data_3FZF
#
_entry.id   3FZF
#
_cell.length_a   40.289
_cell.length_b   121.123
_cell.length_c   52.773
_cell.angle_alpha   90.00
_cell.angle_beta   106.25
_cell.angle_gamma   90.00
#
_symmetry.space_group_name_H-M   'P 1 21 1'
#
loop_
_entity.id
_entity.type
_entity.pdbx_description
1 polymer 'Heat shock cognate 71 kDa protein'
2 polymer 'BAG family molecular chaperone regulator 1'
3 non-polymer "ADENOSINE-5'-TRIPHOSPHATE"
4 water water
#
loop_
_entity_poly.entity_id
_entity_poly.type
_entity_poly.pdbx_seq_one_letter_code
_entity_poly.pdbx_strand_id
1 'polypeptide(L)'
;YFQGPAVGIDLGTTYSCVGVFQHGKVEIIANDQGNRTTPSYVAFTDTERLIGDAAKNQVAMNPTNTVFDAKRLIGRRFDD
AVVQSDMKHWPFMVVNDAGRPKVQVEYKGETKSFYPEEVSSMVLTKMKEIAEAYLGKTVTNAVVTVPAYFNDSQRQATKD
AGTIAGLNVLRIINEPTAAAIAYGLDKKVGAERNVLIFDLGGGTFDVSILTIEDGIFEVKSTAGDTHLGGEDFDNRMVNH
FIAEFKRKHKKDISENKRAVRRLRTACERAKRTLSSSTQASIEIDSLYEGIDFYTSITRARFEELNADLFRGTLDPVEKA
LRDAKLDKSQIHDIVLVGGSTRIPKIQKLLQDFFNGKELNKSINPDEAVAYGAAVQAAILS
;
A
2 'polypeptide(L)'
;GNSPQEEVELKKLKHLEKSVEKIADQLEELNKELTGIQQGFLPKDLQAEALCKLDRRVKATIEQFMKILEEIDTLILPEN
FKDSRLKRKGLVKKVQAFLAECDTVEQNICQETE
;
B
#
# COMPACT_ATOMS: atom_id res chain seq x y z
N PRO A 5 13.76 -23.96 11.39
CA PRO A 5 12.87 -22.79 11.26
C PRO A 5 13.25 -21.93 10.03
N ALA A 6 12.39 -21.94 8.99
CA ALA A 6 12.69 -21.24 7.72
C ALA A 6 11.46 -20.51 7.19
N VAL A 7 11.65 -19.25 6.83
CA VAL A 7 10.51 -18.47 6.33
C VAL A 7 10.65 -18.13 4.83
N GLY A 8 9.55 -17.72 4.23
CA GLY A 8 9.60 -17.16 2.92
C GLY A 8 9.20 -15.72 3.11
N ILE A 9 9.92 -14.83 2.44
CA ILE A 9 9.66 -13.40 2.53
C ILE A 9 9.36 -12.83 1.12
N ASP A 10 8.18 -12.25 0.95
CA ASP A 10 7.94 -11.44 -0.22
C ASP A 10 8.46 -10.02 0.10
N LEU A 11 9.64 -9.67 -0.37
CA LEU A 11 10.15 -8.29 -0.18
C LEU A 11 9.55 -7.40 -1.30
N GLY A 12 8.58 -6.57 -0.93
CA GLY A 12 7.66 -5.95 -1.89
C GLY A 12 8.01 -4.49 -2.11
N THR A 13 7.38 -3.86 -3.12
CA THR A 13 7.70 -2.46 -3.45
C THR A 13 7.03 -1.58 -2.43
N THR A 14 5.74 -1.88 -2.20
CA THR A 14 4.91 -1.12 -1.27
C THR A 14 4.70 -1.89 0.03
N TYR A 15 4.31 -3.15 -0.06
CA TYR A 15 4.09 -4.01 1.08
C TYR A 15 5.01 -5.25 1.02
N SER A 16 5.43 -5.76 2.17
CA SER A 16 6.20 -7.01 2.29
C SER A 16 5.36 -8.01 3.07
N CYS A 17 5.63 -9.29 2.92
CA CYS A 17 4.84 -10.31 3.61
C CYS A 17 5.77 -11.51 3.93
N VAL A 18 5.58 -12.10 5.12
CA VAL A 18 6.37 -13.24 5.50
C VAL A 18 5.49 -14.46 5.84
N GLY A 19 5.91 -15.65 5.47
CA GLY A 19 5.05 -16.86 5.68
C GLY A 19 5.88 -17.96 6.31
N VAL A 20 5.29 -18.83 7.11
CA VAL A 20 6.07 -19.99 7.55
C VAL A 20 5.29 -21.28 7.26
N PHE A 21 5.98 -22.33 6.89
CA PHE A 21 5.32 -23.62 6.71
C PHE A 21 5.52 -24.51 7.97
N GLN A 22 4.41 -24.84 8.61
CA GLN A 22 4.39 -25.58 9.88
C GLN A 22 3.03 -26.28 10.01
N HIS A 23 3.01 -27.44 10.66
CA HIS A 23 1.82 -28.31 10.72
C HIS A 23 1.16 -28.51 9.39
N GLY A 24 1.98 -28.63 8.34
CA GLY A 24 1.52 -28.94 6.97
C GLY A 24 0.66 -27.88 6.30
N LYS A 25 0.98 -26.60 6.49
CA LYS A 25 0.10 -25.52 6.07
C LYS A 25 0.97 -24.27 6.15
N VAL A 26 0.82 -23.35 5.20
CA VAL A 26 1.50 -22.06 5.41
C VAL A 26 0.66 -21.18 6.34
N GLU A 27 1.35 -20.54 7.27
CA GLU A 27 0.72 -19.56 8.08
C GLU A 27 1.32 -18.27 7.59
N ILE A 28 0.49 -17.30 7.23
CA ILE A 28 1.00 -15.98 6.93
C ILE A 28 1.04 -15.10 8.20
N ILE A 29 2.22 -14.65 8.55
CA ILE A 29 2.44 -14.05 9.85
C ILE A 29 1.95 -12.58 9.95
N ALA A 30 0.96 -12.32 10.83
CA ALA A 30 0.53 -10.97 11.19
C ALA A 30 1.65 -10.26 11.97
N ASN A 31 1.77 -8.95 11.81
CA ASN A 31 2.82 -8.20 12.53
C ASN A 31 2.33 -7.72 13.88
N ASP A 32 3.11 -6.87 14.57
CA ASP A 32 2.76 -6.45 15.92
C ASP A 32 1.47 -5.67 15.90
N GLN A 33 1.12 -5.17 14.71
CA GLN A 33 -0.07 -4.36 14.52
C GLN A 33 -1.24 -5.23 14.05
N GLY A 34 -0.99 -6.51 13.77
CA GLY A 34 -2.05 -7.43 13.42
C GLY A 34 -2.21 -7.64 11.92
N ASN A 35 -1.33 -7.02 11.13
CA ASN A 35 -1.46 -7.00 9.66
C ASN A 35 -0.55 -8.06 9.02
N ARG A 36 -1.10 -8.76 8.04
CA ARG A 36 -0.45 -9.86 7.39
C ARG A 36 0.46 -9.47 6.26
N THR A 37 0.36 -8.22 5.84
CA THR A 37 1.42 -7.57 5.06
C THR A 37 1.91 -6.35 5.85
N THR A 38 3.07 -5.78 5.51
CA THR A 38 3.76 -4.74 6.29
C THR A 38 4.37 -3.75 5.27
N PRO A 39 4.02 -2.43 5.34
CA PRO A 39 4.59 -1.42 4.43
C PRO A 39 6.11 -1.56 4.38
N SER A 40 6.68 -1.49 3.19
CA SER A 40 8.11 -1.54 3.01
C SER A 40 8.66 -0.11 3.18
N TYR A 41 8.40 0.50 4.35
CA TYR A 41 8.66 1.93 4.57
C TYR A 41 9.65 2.12 5.73
N VAL A 42 10.57 3.09 5.63
CA VAL A 42 11.48 3.34 6.74
C VAL A 42 11.52 4.84 7.04
N ALA A 43 11.18 5.20 8.29
CA ALA A 43 11.11 6.60 8.69
C ALA A 43 12.21 6.93 9.66
N PHE A 44 12.80 8.09 9.45
CA PHE A 44 13.89 8.58 10.28
C PHE A 44 13.38 9.85 10.93
N THR A 45 13.41 9.87 12.25
CA THR A 45 12.83 11.00 12.98
C THR A 45 13.95 11.67 13.77
N ASP A 46 13.56 12.64 14.60
CA ASP A 46 14.43 13.33 15.57
C ASP A 46 15.05 12.43 16.63
N THR A 47 14.41 11.27 16.87
CA THR A 47 14.74 10.43 18.04
C THR A 47 15.02 8.96 17.72
N GLU A 48 14.60 8.53 16.53
CA GLU A 48 14.49 7.12 16.25
C GLU A 48 14.23 6.80 14.79
N ARG A 49 14.28 5.50 14.49
CA ARG A 49 13.99 4.99 13.17
C ARG A 49 12.81 4.03 13.28
N LEU A 50 11.80 4.27 12.46
CA LEU A 50 10.59 3.45 12.47
C LEU A 50 10.51 2.66 11.18
N ILE A 51 9.89 1.47 11.23
CA ILE A 51 9.79 0.55 10.07
C ILE A 51 8.44 -0.15 10.03
N GLY A 52 7.81 -0.22 8.87
CA GLY A 52 6.53 -0.93 8.72
C GLY A 52 5.42 0.08 8.86
N ASP A 53 4.35 -0.31 9.57
CA ASP A 53 3.19 0.56 9.83
C ASP A 53 3.50 1.85 10.59
N ALA A 54 4.41 1.78 11.57
CA ALA A 54 4.76 2.99 12.30
C ALA A 54 5.27 4.05 11.30
N ALA A 55 6.12 3.63 10.37
CA ALA A 55 6.65 4.51 9.31
C ALA A 55 5.59 5.03 8.35
N LYS A 56 4.74 4.14 7.80
CA LYS A 56 3.72 4.63 6.89
C LYS A 56 2.78 5.65 7.54
N ASN A 57 2.48 5.45 8.82
CA ASN A 57 1.43 6.20 9.51
C ASN A 57 1.87 7.53 10.05
N GLN A 58 3.08 7.96 9.70
CA GLN A 58 3.57 9.32 9.98
C GLN A 58 4.18 10.01 8.73
N VAL A 59 3.84 9.47 7.57
CA VAL A 59 4.36 10.03 6.33
C VAL A 59 3.98 11.51 6.24
N ALA A 60 2.71 11.83 6.53
CA ALA A 60 2.19 13.19 6.41
C ALA A 60 2.91 14.20 7.29
N MET A 61 3.36 13.74 8.45
CA MET A 61 4.01 14.57 9.47
C MET A 61 5.49 14.82 9.13
N ASN A 62 6.07 13.92 8.35
CA ASN A 62 7.51 13.80 8.16
C ASN A 62 7.88 13.11 6.81
N PRO A 63 7.37 13.63 5.67
CA PRO A 63 7.52 12.99 4.34
C PRO A 63 8.96 13.04 3.78
N THR A 64 9.66 14.10 4.17
CA THR A 64 11.00 14.34 3.73
C THR A 64 11.94 13.23 4.20
N ASN A 65 11.68 12.63 5.36
CA ASN A 65 12.59 11.63 5.88
C ASN A 65 11.91 10.24 6.01
N THR A 66 10.86 10.01 5.22
CA THR A 66 10.20 8.68 5.15
C THR A 66 10.46 8.04 3.77
N VAL A 67 11.32 7.02 3.77
CA VAL A 67 11.79 6.35 2.57
C VAL A 67 10.91 5.12 2.27
N PHE A 68 10.54 4.95 0.99
CA PHE A 68 9.72 3.85 0.49
C PHE A 68 10.11 3.67 -0.99
N ASP A 69 9.61 2.59 -1.62
CA ASP A 69 9.95 2.31 -3.02
C ASP A 69 11.43 2.08 -3.22
N ALA A 70 12.10 1.52 -2.22
CA ALA A 70 13.53 1.24 -2.31
C ALA A 70 13.84 0.09 -3.29
N LYS A 71 12.85 -0.78 -3.58
CA LYS A 71 13.03 -1.86 -4.52
C LYS A 71 13.29 -1.27 -5.91
N ARG A 72 12.70 -0.10 -6.15
CA ARG A 72 12.89 0.67 -7.38
C ARG A 72 14.32 1.14 -7.62
N LEU A 73 15.12 1.19 -6.56
CA LEU A 73 16.50 1.68 -6.61
C LEU A 73 17.52 0.60 -6.36
N ILE A 74 17.10 -0.50 -5.71
CA ILE A 74 18.03 -1.53 -5.20
C ILE A 74 18.85 -2.09 -6.37
N GLY A 75 20.18 -2.05 -6.25
CA GLY A 75 21.02 -2.68 -7.28
C GLY A 75 21.04 -1.98 -8.63
N ARG A 76 20.44 -0.79 -8.71
CA ARG A 76 20.42 0.02 -9.95
C ARG A 76 21.51 1.08 -9.90
N ARG A 77 21.89 1.60 -11.08
CA ARG A 77 22.85 2.69 -11.10
C ARG A 77 22.08 4.01 -11.08
N PHE A 78 22.72 5.12 -10.77
CA PHE A 78 22.00 6.38 -10.63
C PHE A 78 21.34 6.81 -11.94
N ASP A 79 22.03 6.64 -13.07
CA ASP A 79 21.47 7.05 -14.34
C ASP A 79 20.55 5.97 -14.97
N ASP A 80 20.08 5.03 -14.16
CA ASP A 80 19.05 4.09 -14.63
C ASP A 80 17.73 4.85 -14.91
N ALA A 81 17.16 4.64 -16.10
CA ALA A 81 15.86 5.24 -16.49
C ALA A 81 14.78 5.22 -15.40
N VAL A 82 14.76 4.14 -14.59
CA VAL A 82 13.77 3.93 -13.55
C VAL A 82 14.03 4.82 -12.31
N VAL A 83 15.30 4.92 -11.92
CA VAL A 83 15.72 5.84 -10.88
C VAL A 83 15.24 7.25 -11.21
N GLN A 84 15.66 7.74 -12.38
CA GLN A 84 15.42 9.13 -12.78
C GLN A 84 13.95 9.45 -12.88
N SER A 85 13.18 8.54 -13.47
CA SER A 85 11.75 8.69 -13.58
C SER A 85 11.10 8.81 -12.22
N ASP A 86 11.32 7.82 -11.34
CA ASP A 86 10.59 7.75 -10.06
C ASP A 86 10.94 8.86 -9.06
N MET A 87 12.21 9.27 -9.03
CA MET A 87 12.69 10.40 -8.19
C MET A 87 11.79 11.61 -8.18
N LYS A 88 11.24 11.95 -9.35
CA LYS A 88 10.32 13.08 -9.50
C LYS A 88 9.05 12.90 -8.66
N HIS A 89 8.76 11.67 -8.22
CA HIS A 89 7.59 11.38 -7.38
C HIS A 89 7.87 11.15 -5.87
N TRP A 90 9.14 11.15 -5.48
CA TRP A 90 9.48 10.91 -4.08
C TRP A 90 9.87 12.18 -3.40
N PRO A 91 9.41 12.39 -2.16
CA PRO A 91 9.71 13.62 -1.40
C PRO A 91 11.05 13.61 -0.64
N PHE A 92 11.63 12.43 -0.46
CA PHE A 92 12.95 12.31 0.11
C PHE A 92 13.93 12.46 -1.00
N MET A 93 15.16 12.80 -0.64
CA MET A 93 16.18 13.08 -1.64
C MET A 93 16.97 11.83 -2.03
N VAL A 94 17.13 11.62 -3.34
CA VAL A 94 17.99 10.57 -3.92
C VAL A 94 19.24 11.23 -4.45
N VAL A 95 20.37 10.75 -3.98
CA VAL A 95 21.66 11.39 -4.19
C VAL A 95 22.49 10.48 -5.09
N ASN A 96 23.39 11.03 -5.89
CA ASN A 96 24.30 10.24 -6.73
C ASN A 96 25.66 10.14 -6.07
N ASP A 97 25.95 8.97 -5.52
CA ASP A 97 27.26 8.68 -4.97
C ASP A 97 28.13 7.87 -5.93
N ALA A 98 28.90 8.60 -6.74
CA ALA A 98 29.81 8.01 -7.71
C ALA A 98 29.15 6.87 -8.51
N GLY A 99 27.99 7.16 -9.11
CA GLY A 99 27.27 6.20 -9.95
C GLY A 99 26.11 5.45 -9.31
N ARG A 100 26.14 5.29 -7.99
CA ARG A 100 25.07 4.59 -7.27
C ARG A 100 24.15 5.57 -6.53
N PRO A 101 22.83 5.27 -6.49
CA PRO A 101 21.87 6.10 -5.79
C PRO A 101 21.96 5.90 -4.30
N LYS A 102 21.62 6.94 -3.56
CA LYS A 102 21.62 6.90 -2.12
C LYS A 102 20.43 7.69 -1.71
N VAL A 103 19.97 7.45 -0.50
CA VAL A 103 18.79 8.10 0.02
C VAL A 103 19.22 8.98 1.22
N GLN A 104 19.08 10.30 1.07
CA GLN A 104 19.49 11.25 2.11
C GLN A 104 18.33 11.75 2.96
N VAL A 105 18.49 11.61 4.27
CA VAL A 105 17.46 11.95 5.24
C VAL A 105 18.06 12.76 6.42
N GLU A 106 17.19 13.31 7.28
CA GLU A 106 17.61 13.84 8.59
C GLU A 106 17.20 12.89 9.71
N TYR A 107 18.20 12.44 10.45
CA TYR A 107 18.05 11.39 11.40
C TYR A 107 18.80 11.75 12.69
N LYS A 108 18.04 11.82 13.79
CA LYS A 108 18.54 12.27 15.09
C LYS A 108 19.34 13.57 14.94
N GLY A 109 18.74 14.56 14.25
CA GLY A 109 19.37 15.86 13.96
C GLY A 109 20.50 15.92 12.91
N GLU A 110 20.79 14.80 12.27
CA GLU A 110 21.96 14.71 11.39
C GLU A 110 21.58 14.38 9.97
N THR A 111 22.25 15.00 9.00
CA THR A 111 22.16 14.52 7.62
C THR A 111 22.79 13.12 7.51
N LYS A 112 22.03 12.17 6.97
CA LYS A 112 22.46 10.78 6.83
C LYS A 112 22.09 10.22 5.45
N SER A 113 22.91 9.33 4.91
CA SER A 113 22.56 8.67 3.65
C SER A 113 22.66 7.13 3.67
N PHE A 114 21.75 6.49 2.93
CA PHE A 114 21.65 5.03 2.94
C PHE A 114 21.55 4.48 1.51
N TYR A 115 22.35 3.46 1.17
CA TYR A 115 22.15 2.77 -0.10
C TYR A 115 20.77 2.12 -0.06
N PRO A 116 20.11 1.95 -1.21
CA PRO A 116 18.78 1.29 -1.19
C PRO A 116 18.80 -0.10 -0.55
N GLU A 117 19.96 -0.74 -0.64
CA GLU A 117 20.23 -2.07 -0.13
C GLU A 117 20.11 -2.11 1.43
N GLU A 118 20.70 -1.11 2.08
CA GLU A 118 20.59 -0.86 3.51
C GLU A 118 19.19 -0.59 3.99
N VAL A 119 18.50 0.31 3.30
CA VAL A 119 17.10 0.55 3.54
C VAL A 119 16.30 -0.77 3.36
N SER A 120 16.58 -1.55 2.33
CA SER A 120 15.85 -2.83 2.16
C SER A 120 16.27 -3.84 3.21
N SER A 121 17.47 -3.70 3.77
CA SER A 121 17.88 -4.60 4.85
C SER A 121 17.12 -4.26 6.12
N MET A 122 16.70 -2.99 6.27
CA MET A 122 15.89 -2.57 7.42
C MET A 122 14.51 -3.26 7.43
N VAL A 123 13.83 -3.23 6.29
CA VAL A 123 12.54 -3.93 6.09
C VAL A 123 12.65 -5.42 6.38
N LEU A 124 13.66 -6.08 5.86
CA LEU A 124 13.91 -7.50 6.11
C LEU A 124 14.21 -7.85 7.60
N THR A 125 14.98 -6.98 8.29
CA THR A 125 15.14 -7.07 9.76
C THR A 125 13.79 -7.04 10.47
N LYS A 126 12.93 -6.08 10.15
CA LYS A 126 11.55 -6.06 10.60
C LYS A 126 10.79 -7.39 10.24
N MET A 127 10.91 -7.92 9.01
CA MET A 127 10.14 -9.17 8.64
C MET A 127 10.58 -10.39 9.42
N LYS A 128 11.90 -10.57 9.47
CA LYS A 128 12.60 -11.48 10.38
C LYS A 128 12.03 -11.42 11.80
N GLU A 129 11.93 -10.20 12.36
CA GLU A 129 11.39 -9.98 13.71
C GLU A 129 9.90 -10.35 13.83
N ILE A 130 9.18 -10.15 12.75
CA ILE A 130 7.75 -10.41 12.75
C ILE A 130 7.57 -11.90 12.95
N ALA A 131 8.43 -12.70 12.35
CA ALA A 131 8.35 -14.17 12.41
C ALA A 131 8.90 -14.66 13.74
N GLU A 132 9.90 -13.97 14.26
CA GLU A 132 10.47 -14.36 15.54
C GLU A 132 9.47 -14.15 16.68
N ALA A 133 8.65 -13.09 16.59
CA ALA A 133 7.61 -12.82 17.60
C ALA A 133 6.47 -13.84 17.46
N TYR A 134 6.05 -14.12 16.25
CA TYR A 134 5.08 -15.20 16.06
C TYR A 134 5.56 -16.51 16.69
N LEU A 135 6.82 -16.86 16.38
CA LEU A 135 7.34 -18.20 16.60
C LEU A 135 8.01 -18.46 17.99
N GLY A 136 8.47 -17.39 18.67
CA GLY A 136 9.08 -17.53 19.98
C GLY A 136 10.38 -18.31 19.81
N LYS A 137 10.94 -18.21 18.60
CA LYS A 137 12.25 -18.73 18.22
C LYS A 137 12.98 -17.61 17.44
N THR A 138 14.31 -17.63 17.49
CA THR A 138 15.15 -16.97 16.49
C THR A 138 14.95 -17.52 15.06
N VAL A 139 14.81 -16.63 14.08
CA VAL A 139 14.71 -17.06 12.68
C VAL A 139 15.91 -16.51 11.92
N THR A 140 16.52 -17.36 11.11
CA THR A 140 17.62 -16.90 10.27
C THR A 140 17.51 -17.37 8.80
N ASN A 141 17.14 -18.62 8.58
CA ASN A 141 16.90 -19.11 7.24
C ASN A 141 15.66 -18.48 6.59
N ALA A 142 15.85 -17.83 5.45
CA ALA A 142 14.73 -17.32 4.63
C ALA A 142 14.96 -17.60 3.14
N VAL A 143 13.87 -17.81 2.42
CA VAL A 143 13.84 -17.62 0.98
C VAL A 143 13.24 -16.26 0.74
N VAL A 144 13.91 -15.43 -0.06
CA VAL A 144 13.47 -14.08 -0.39
C VAL A 144 13.23 -14.03 -1.89
N THR A 145 12.15 -13.40 -2.31
CA THR A 145 11.84 -13.36 -3.74
C THR A 145 12.10 -12.00 -4.33
N VAL A 146 12.47 -12.02 -5.62
CA VAL A 146 12.62 -10.83 -6.46
C VAL A 146 11.77 -10.96 -7.75
N PRO A 147 11.55 -9.86 -8.47
CA PRO A 147 10.97 -9.88 -9.82
C PRO A 147 11.76 -10.67 -10.87
N ALA A 148 11.05 -11.29 -11.82
CA ALA A 148 11.69 -12.06 -12.91
C ALA A 148 12.66 -11.21 -13.79
N TYR A 149 12.45 -9.90 -13.81
CA TYR A 149 13.26 -8.98 -14.60
C TYR A 149 14.44 -8.38 -13.83
N PHE A 150 14.71 -8.91 -12.64
CA PHE A 150 15.83 -8.41 -11.83
C PHE A 150 17.10 -8.91 -12.44
N ASN A 151 18.01 -8.00 -12.77
CA ASN A 151 19.31 -8.40 -13.26
C ASN A 151 20.25 -8.85 -12.11
N ASP A 152 21.43 -9.35 -12.45
CA ASP A 152 22.33 -9.92 -11.48
C ASP A 152 22.63 -8.96 -10.35
N SER A 153 22.79 -7.70 -10.69
CA SER A 153 23.26 -6.74 -9.70
C SER A 153 22.17 -6.53 -8.65
N GLN A 154 20.91 -6.54 -9.10
CA GLN A 154 19.73 -6.31 -8.26
C GLN A 154 19.45 -7.50 -7.37
N ARG A 155 19.60 -8.71 -7.93
CA ARG A 155 19.54 -9.95 -7.19
C ARG A 155 20.61 -9.99 -6.11
N GLN A 156 21.83 -9.63 -6.47
CA GLN A 156 22.92 -9.53 -5.48
C GLN A 156 22.68 -8.48 -4.40
N ALA A 157 22.28 -7.26 -4.77
CA ALA A 157 21.93 -6.23 -3.78
C ALA A 157 20.87 -6.71 -2.80
N THR A 158 19.97 -7.58 -3.30
CA THR A 158 18.85 -8.12 -2.52
C THR A 158 19.35 -9.21 -1.58
N LYS A 159 20.31 -10.02 -2.00
CA LYS A 159 20.87 -11.07 -1.14
C LYS A 159 21.72 -10.42 -0.07
N ASP A 160 22.56 -9.46 -0.48
CA ASP A 160 23.34 -8.66 0.45
C ASP A 160 22.45 -8.00 1.49
N ALA A 161 21.29 -7.47 1.08
CA ALA A 161 20.31 -6.92 2.02
C ALA A 161 19.80 -7.93 3.07
N GLY A 162 19.58 -9.19 2.68
CA GLY A 162 19.15 -10.21 3.64
C GLY A 162 20.24 -10.58 4.62
N THR A 163 21.46 -10.70 4.10
CA THR A 163 22.68 -10.94 4.84
C THR A 163 22.94 -9.86 5.88
N ILE A 164 22.86 -8.59 5.52
CA ILE A 164 23.02 -7.53 6.54
C ILE A 164 21.97 -7.67 7.66
N ALA A 165 20.76 -8.16 7.32
CA ALA A 165 19.66 -8.29 8.28
C ALA A 165 19.85 -9.51 9.17
N GLY A 166 20.96 -10.23 8.96
CA GLY A 166 21.30 -11.40 9.74
C GLY A 166 20.58 -12.66 9.26
N LEU A 167 20.19 -12.67 7.99
CA LEU A 167 19.47 -13.80 7.42
C LEU A 167 20.42 -14.70 6.66
N ASN A 168 20.19 -16.00 6.74
CA ASN A 168 20.83 -16.92 5.85
C ASN A 168 19.91 -17.13 4.67
N VAL A 169 20.19 -16.46 3.55
CA VAL A 169 19.34 -16.59 2.35
C VAL A 169 19.54 -17.95 1.70
N LEU A 170 18.59 -18.86 1.93
CA LEU A 170 18.72 -20.20 1.34
C LEU A 170 18.73 -20.12 -0.17
N ARG A 171 17.96 -19.16 -0.67
CA ARG A 171 17.69 -18.97 -2.11
C ARG A 171 17.00 -17.65 -2.37
N ILE A 172 17.27 -17.09 -3.55
CA ILE A 172 16.52 -15.98 -4.16
C ILE A 172 15.70 -16.60 -5.31
N ILE A 173 14.39 -16.41 -5.26
CA ILE A 173 13.40 -17.04 -6.16
C ILE A 173 12.53 -15.93 -6.81
N ASN A 174 12.40 -15.93 -8.15
CA ASN A 174 11.48 -15.01 -8.86
C ASN A 174 10.07 -15.05 -8.28
N GLU A 175 9.44 -13.86 -8.22
CA GLU A 175 8.10 -13.73 -7.66
C GLU A 175 7.04 -14.68 -8.34
N PRO A 176 6.98 -14.71 -9.69
CA PRO A 176 6.02 -15.61 -10.41
C PRO A 176 6.25 -17.11 -10.19
N THR A 177 7.50 -17.47 -9.93
CA THR A 177 7.88 -18.82 -9.65
C THR A 177 7.37 -19.21 -8.25
N ALA A 178 7.60 -18.31 -7.29
CA ALA A 178 6.99 -18.43 -5.93
C ALA A 178 5.47 -18.65 -6.00
N ALA A 179 4.76 -17.84 -6.79
CA ALA A 179 3.30 -17.94 -6.95
C ALA A 179 2.84 -19.25 -7.58
N ALA A 180 3.65 -19.78 -8.50
CA ALA A 180 3.37 -21.05 -9.17
C ALA A 180 3.58 -22.18 -8.20
N ILE A 181 4.63 -22.06 -7.37
CA ILE A 181 4.87 -23.00 -6.27
C ILE A 181 3.69 -23.07 -5.25
N ALA A 182 3.12 -21.93 -4.87
CA ALA A 182 1.97 -21.86 -3.94
C ALA A 182 0.79 -22.73 -4.38
N TYR A 183 0.54 -22.79 -5.69
CA TYR A 183 -0.55 -23.61 -6.24
C TYR A 183 -0.10 -25.05 -6.54
N GLY A 184 1.07 -25.42 -6.02
CA GLY A 184 1.65 -26.72 -6.31
C GLY A 184 1.75 -27.10 -7.77
N LEU A 185 1.98 -26.10 -8.63
CA LEU A 185 2.09 -26.35 -10.08
C LEU A 185 3.42 -27.01 -10.45
N ASP A 186 4.39 -26.92 -9.54
CA ASP A 186 5.64 -27.64 -9.73
C ASP A 186 5.45 -29.15 -9.50
N LYS A 187 4.27 -29.57 -9.05
CA LYS A 187 4.00 -30.98 -8.69
C LYS A 187 3.34 -31.74 -9.81
N LYS A 188 2.73 -31.01 -10.75
CA LYS A 188 2.12 -31.67 -11.90
C LYS A 188 3.14 -32.46 -12.72
N VAL A 189 2.69 -33.59 -13.24
CA VAL A 189 3.64 -34.48 -13.89
C VAL A 189 3.29 -34.71 -15.39
N GLY A 190 4.27 -35.11 -16.20
CA GLY A 190 4.01 -35.42 -17.59
C GLY A 190 4.66 -34.38 -18.48
N ALA A 191 3.94 -33.93 -19.50
CA ALA A 191 4.53 -33.00 -20.46
C ALA A 191 4.79 -31.60 -19.88
N GLU A 192 5.65 -30.84 -20.55
CA GLU A 192 5.97 -29.47 -20.21
C GLU A 192 4.71 -28.66 -20.22
N ARG A 193 4.64 -27.66 -19.34
CA ARG A 193 3.53 -26.73 -19.35
C ARG A 193 3.98 -25.30 -19.34
N ASN A 194 3.29 -24.49 -20.15
CA ASN A 194 3.39 -23.04 -20.10
C ASN A 194 2.34 -22.44 -19.13
N VAL A 195 2.80 -21.49 -18.32
CA VAL A 195 2.04 -20.90 -17.22
C VAL A 195 2.22 -19.38 -17.32
N LEU A 196 1.13 -18.61 -17.29
CA LEU A 196 1.25 -17.16 -17.29
C LEU A 196 0.88 -16.65 -15.91
N ILE A 197 1.73 -15.80 -15.31
CA ILE A 197 1.39 -15.15 -14.06
C ILE A 197 1.07 -13.69 -14.30
N PHE A 198 -0.19 -13.37 -13.99
CA PHE A 198 -0.78 -12.07 -14.19
C PHE A 198 -0.77 -11.40 -12.82
N ASP A 199 0.04 -10.36 -12.68
CA ASP A 199 0.26 -9.76 -11.40
C ASP A 199 -0.07 -8.28 -11.45
N LEU A 200 -1.28 -7.93 -11.03
CA LEU A 200 -1.73 -6.55 -11.12
C LEU A 200 -1.93 -6.00 -9.71
N GLY A 201 -1.15 -4.99 -9.34
CA GLY A 201 -1.24 -4.41 -8.01
C GLY A 201 -1.84 -3.02 -8.00
N GLY A 202 -1.11 -2.07 -7.39
CA GLY A 202 -1.54 -0.68 -7.21
C GLY A 202 -0.93 0.25 -8.23
N GLY A 203 0.37 0.07 -8.47
CA GLY A 203 1.10 0.76 -9.54
C GLY A 203 1.72 -0.25 -10.49
N THR A 204 2.50 -1.20 -9.96
CA THR A 204 3.04 -2.29 -10.78
C THR A 204 1.94 -3.11 -11.51
N PHE A 205 2.34 -3.65 -12.66
CA PHE A 205 1.61 -4.68 -13.38
C PHE A 205 2.69 -5.51 -14.07
N ASP A 206 2.91 -6.75 -13.61
CA ASP A 206 3.89 -7.64 -14.25
C ASP A 206 3.29 -8.95 -14.79
N VAL A 207 3.45 -9.20 -16.09
CA VAL A 207 3.10 -10.47 -16.71
C VAL A 207 4.38 -11.32 -16.96
N SER A 208 4.29 -12.62 -16.69
CA SER A 208 5.43 -13.49 -16.82
C SER A 208 4.98 -14.81 -17.37
N ILE A 209 5.73 -15.33 -18.34
CA ILE A 209 5.45 -16.66 -18.84
C ILE A 209 6.57 -17.58 -18.44
N LEU A 210 6.20 -18.69 -17.81
CA LEU A 210 7.15 -19.66 -17.39
C LEU A 210 6.85 -20.96 -18.04
N THR A 211 7.90 -21.71 -18.31
CA THR A 211 7.81 -23.16 -18.54
C THR A 211 8.01 -23.96 -17.21
N ILE A 212 7.19 -25.01 -17.04
CA ILE A 212 7.35 -25.99 -15.93
C ILE A 212 7.31 -27.41 -16.47
N GLU A 213 8.36 -28.16 -16.19
CA GLU A 213 8.40 -29.56 -16.56
C GLU A 213 9.07 -30.33 -15.44
N ASP A 214 8.33 -31.30 -14.88
CA ASP A 214 8.86 -32.18 -13.83
C ASP A 214 9.38 -31.39 -12.61
N GLY A 215 8.74 -30.26 -12.29
CA GLY A 215 9.16 -29.45 -11.15
C GLY A 215 10.18 -28.38 -11.49
N ILE A 216 10.65 -28.36 -12.74
CA ILE A 216 11.77 -27.52 -13.21
C ILE A 216 11.28 -26.34 -14.04
N PHE A 217 11.63 -25.15 -13.57
CA PHE A 217 11.07 -23.89 -14.01
C PHE A 217 11.98 -23.16 -14.96
N GLU A 218 11.37 -22.35 -15.82
CA GLU A 218 12.11 -21.56 -16.77
C GLU A 218 11.26 -20.35 -17.13
N VAL A 219 11.83 -19.15 -16.95
CA VAL A 219 11.26 -17.90 -17.45
C VAL A 219 11.39 -17.85 -18.98
N LYS A 220 10.29 -17.50 -19.65
CA LYS A 220 10.23 -17.48 -21.11
C LYS A 220 10.13 -16.08 -21.64
N SER A 221 9.40 -15.23 -20.91
CA SER A 221 9.24 -13.83 -21.26
C SER A 221 8.67 -13.14 -20.08
N THR A 222 8.91 -11.83 -20.02
CA THR A 222 8.37 -10.93 -19.02
C THR A 222 7.86 -9.65 -19.70
N ALA A 223 6.85 -9.02 -19.14
CA ALA A 223 6.25 -7.83 -19.73
C ALA A 223 5.53 -7.03 -18.67
N GLY A 224 5.65 -5.71 -18.74
CA GLY A 224 5.13 -4.86 -17.68
C GLY A 224 4.37 -3.64 -18.17
N ASP A 225 3.66 -2.99 -17.26
CA ASP A 225 3.06 -1.70 -17.52
C ASP A 225 3.31 -0.88 -16.28
N THR A 226 4.20 0.09 -16.38
CA THR A 226 4.45 0.97 -15.25
C THR A 226 3.22 1.90 -15.01
N HIS A 227 2.40 2.09 -16.04
CA HIS A 227 1.26 3.01 -15.99
C HIS A 227 -0.13 2.35 -16.02
N LEU A 228 -0.28 1.20 -15.35
CA LEU A 228 -1.58 0.61 -15.12
C LEU A 228 -1.63 -0.07 -13.78
N GLY A 229 -2.60 0.30 -12.96
CA GLY A 229 -2.83 -0.36 -11.67
C GLY A 229 -4.12 0.15 -11.05
N GLY A 230 -4.34 -0.27 -9.81
CA GLY A 230 -5.54 0.11 -9.06
C GLY A 230 -5.69 1.60 -8.84
N GLU A 231 -4.59 2.33 -8.70
CA GLU A 231 -4.69 3.75 -8.51
C GLU A 231 -5.44 4.37 -9.65
N ASP A 232 -5.21 3.85 -10.86
CA ASP A 232 -5.88 4.33 -12.07
C ASP A 232 -7.39 4.02 -12.09
N PHE A 233 -7.80 2.90 -11.50
CA PHE A 233 -9.23 2.59 -11.39
C PHE A 233 -9.90 3.55 -10.38
N ASP A 234 -9.18 3.93 -9.34
CA ASP A 234 -9.68 4.90 -8.37
C ASP A 234 -9.83 6.29 -8.98
N ASN A 235 -8.84 6.74 -9.77
CA ASN A 235 -8.90 8.03 -10.50
C ASN A 235 -10.19 8.21 -11.29
N ARG A 236 -10.54 7.18 -12.05
CA ARG A 236 -11.74 7.21 -12.87
C ARG A 236 -12.99 7.35 -11.98
N MET A 237 -12.99 6.74 -10.79
CA MET A 237 -14.08 6.96 -9.81
C MET A 237 -14.11 8.40 -9.29
N VAL A 238 -12.98 8.90 -8.83
CA VAL A 238 -12.90 10.31 -8.39
C VAL A 238 -13.45 11.22 -9.46
N ASN A 239 -12.98 11.12 -10.70
CA ASN A 239 -13.46 11.96 -11.82
C ASN A 239 -14.98 11.89 -11.99
N HIS A 240 -15.49 10.65 -12.02
CA HIS A 240 -16.93 10.39 -12.04
C HIS A 240 -17.67 11.07 -10.90
N PHE A 241 -17.27 10.85 -9.65
CA PHE A 241 -17.89 11.57 -8.53
C PHE A 241 -17.68 13.10 -8.46
N ILE A 242 -16.48 13.61 -8.80
CA ILE A 242 -16.27 15.07 -8.83
C ILE A 242 -17.20 15.75 -9.85
N ALA A 243 -17.49 15.06 -10.95
CA ALA A 243 -18.43 15.53 -11.95
C ALA A 243 -19.87 15.40 -11.47
N GLU A 244 -20.13 14.42 -10.64
CA GLU A 244 -21.43 14.23 -9.99
C GLU A 244 -21.63 15.34 -8.99
N PHE A 245 -20.59 15.73 -8.29
CA PHE A 245 -20.73 16.82 -7.31
C PHE A 245 -21.10 18.13 -8.02
N LYS A 246 -20.46 18.38 -9.16
CA LYS A 246 -20.64 19.59 -9.97
C LYS A 246 -22.03 19.69 -10.62
N ARG A 247 -22.44 18.60 -11.27
CA ARG A 247 -23.76 18.53 -11.86
C ARG A 247 -24.85 18.89 -10.82
N LYS A 248 -24.75 18.33 -9.62
CA LYS A 248 -25.72 18.54 -8.54
C LYS A 248 -25.57 19.82 -7.70
N HIS A 249 -24.36 20.38 -7.60
CA HIS A 249 -24.08 21.48 -6.66
C HIS A 249 -23.35 22.66 -7.27
N LYS A 250 -22.89 22.50 -8.51
CA LYS A 250 -22.17 23.53 -9.24
C LYS A 250 -21.01 24.13 -8.43
N LYS A 251 -20.30 23.24 -7.75
CA LYS A 251 -19.13 23.56 -6.97
C LYS A 251 -18.02 22.58 -7.28
N ASP A 252 -16.79 23.11 -7.28
CA ASP A 252 -15.61 22.37 -7.70
C ASP A 252 -14.73 21.97 -6.53
N ILE A 253 -14.83 20.70 -6.12
CA ILE A 253 -14.08 20.24 -4.95
C ILE A 253 -12.60 20.00 -5.21
N SER A 254 -12.18 20.10 -6.48
CA SER A 254 -10.84 19.73 -6.93
C SER A 254 -9.70 20.55 -6.35
N GLU A 255 -9.98 21.79 -5.98
CA GLU A 255 -8.98 22.69 -5.39
C GLU A 255 -8.83 22.49 -3.87
N ASN A 256 -9.73 21.72 -3.25
CA ASN A 256 -9.58 21.37 -1.85
C ASN A 256 -8.93 20.00 -1.67
N LYS A 257 -7.73 19.98 -1.09
CA LYS A 257 -6.97 18.73 -0.96
C LYS A 257 -7.67 17.70 -0.08
N ARG A 258 -8.10 18.11 1.12
CA ARG A 258 -8.77 17.22 2.10
C ARG A 258 -10.09 16.62 1.61
N ALA A 259 -10.82 17.39 0.79
CA ALA A 259 -12.08 16.96 0.18
C ALA A 259 -11.83 15.90 -0.88
N VAL A 260 -10.85 16.19 -1.74
CA VAL A 260 -10.40 15.24 -2.75
C VAL A 260 -9.94 13.95 -2.04
N ARG A 261 -9.21 14.11 -0.94
CA ARG A 261 -8.72 12.96 -0.14
C ARG A 261 -9.83 12.07 0.43
N ARG A 262 -10.82 12.68 1.09
CA ARG A 262 -11.95 11.98 1.67
C ARG A 262 -12.69 11.24 0.58
N LEU A 263 -12.81 11.89 -0.57
CA LEU A 263 -13.42 11.26 -1.70
C LEU A 263 -12.53 10.12 -2.24
N ARG A 264 -11.25 10.34 -2.55
CA ARG A 264 -10.46 9.16 -2.97
C ARG A 264 -10.50 7.97 -1.97
N THR A 265 -10.25 8.23 -0.69
CA THR A 265 -10.32 7.14 0.31
C THR A 265 -11.62 6.34 0.22
N ALA A 266 -12.72 7.04 0.04
CA ALA A 266 -14.05 6.43 -0.10
C ALA A 266 -14.18 5.60 -1.35
N CYS A 267 -13.65 6.12 -2.44
CA CYS A 267 -13.66 5.43 -3.73
C CYS A 267 -12.90 4.13 -3.63
N GLU A 268 -11.67 4.26 -3.16
CA GLU A 268 -10.77 3.14 -2.95
C GLU A 268 -11.45 2.04 -2.13
N ARG A 269 -12.19 2.45 -1.09
CA ARG A 269 -12.96 1.54 -0.29
C ARG A 269 -14.15 0.89 -1.04
N ALA A 270 -14.98 1.70 -1.67
CA ALA A 270 -16.14 1.25 -2.43
C ALA A 270 -15.75 0.32 -3.58
N LYS A 271 -14.62 0.59 -4.22
CA LYS A 271 -13.98 -0.34 -5.17
C LYS A 271 -13.84 -1.77 -4.61
N ARG A 272 -13.20 -1.89 -3.43
CA ARG A 272 -12.94 -3.18 -2.80
C ARG A 272 -14.24 -3.85 -2.53
N THR A 273 -15.27 -3.06 -2.26
CA THR A 273 -16.59 -3.59 -1.90
C THR A 273 -17.23 -4.16 -3.14
N LEU A 274 -17.00 -3.54 -4.29
CA LEU A 274 -17.57 -3.95 -5.57
C LEU A 274 -16.94 -5.22 -6.10
N SER A 275 -15.77 -5.54 -5.55
CA SER A 275 -15.10 -6.81 -5.84
C SER A 275 -15.91 -8.00 -5.34
N SER A 276 -16.89 -7.74 -4.47
CA SER A 276 -17.68 -8.82 -3.89
C SER A 276 -19.14 -8.48 -3.60
N SER A 277 -19.59 -7.26 -3.89
CA SER A 277 -21.04 -6.98 -4.05
C SER A 277 -21.30 -6.24 -5.36
N THR A 278 -22.58 -6.10 -5.71
CA THR A 278 -22.92 -5.48 -6.99
C THR A 278 -23.19 -3.98 -6.94
N GLN A 279 -23.03 -3.39 -5.75
CA GLN A 279 -23.20 -1.93 -5.52
C GLN A 279 -22.60 -1.50 -4.20
N ALA A 280 -22.14 -0.25 -4.14
CA ALA A 280 -21.52 0.36 -2.94
C ALA A 280 -22.12 1.74 -2.71
N SER A 281 -22.49 2.02 -1.46
CA SER A 281 -22.95 3.35 -1.09
C SER A 281 -21.81 4.14 -0.42
N ILE A 282 -21.84 5.47 -0.58
CA ILE A 282 -20.85 6.37 0.03
C ILE A 282 -21.62 7.51 0.66
N GLU A 283 -21.44 7.76 1.96
CA GLU A 283 -21.96 8.98 2.55
C GLU A 283 -20.83 9.76 3.17
N ILE A 284 -20.63 10.99 2.70
CA ILE A 284 -19.63 11.89 3.29
C ILE A 284 -20.32 13.21 3.66
N ASP A 285 -20.44 13.49 4.95
CA ASP A 285 -21.06 14.71 5.42
C ASP A 285 -20.13 15.90 5.19
N SER A 286 -20.70 17.04 4.82
CA SER A 286 -19.90 18.23 4.73
C SER A 286 -18.59 18.00 3.99
N LEU A 287 -18.66 17.42 2.78
CA LEU A 287 -17.48 17.07 1.96
C LEU A 287 -16.76 18.35 1.48
N TYR A 288 -17.55 19.34 1.09
CA TYR A 288 -17.02 20.56 0.52
C TYR A 288 -17.93 21.77 0.75
N GLU A 289 -17.38 22.83 1.32
CA GLU A 289 -18.18 24.00 1.66
C GLU A 289 -19.54 23.61 2.36
N GLY A 290 -19.46 22.77 3.40
CA GLY A 290 -20.63 22.35 4.16
C GLY A 290 -21.60 21.45 3.40
N ILE A 291 -21.22 21.02 2.20
CA ILE A 291 -22.12 20.28 1.31
C ILE A 291 -21.95 18.79 1.44
N ASP A 292 -23.03 18.11 1.81
CA ASP A 292 -23.00 16.65 2.02
C ASP A 292 -22.93 15.93 0.69
N PHE A 293 -22.30 14.76 0.68
CA PHE A 293 -22.21 13.98 -0.52
C PHE A 293 -22.59 12.55 -0.23
N TYR A 294 -23.84 12.22 -0.53
CA TYR A 294 -24.29 10.85 -0.44
C TYR A 294 -24.51 10.38 -1.84
N THR A 295 -23.86 9.28 -2.17
CA THR A 295 -24.01 8.69 -3.48
C THR A 295 -23.90 7.16 -3.43
N SER A 296 -24.01 6.53 -4.58
CA SER A 296 -23.77 5.11 -4.69
C SER A 296 -23.24 4.80 -6.09
N ILE A 297 -22.56 3.66 -6.24
CA ILE A 297 -22.08 3.21 -7.55
C ILE A 297 -22.34 1.71 -7.68
N THR A 298 -22.74 1.26 -8.88
CA THR A 298 -22.90 -0.17 -9.11
C THR A 298 -21.60 -0.80 -9.64
N ARG A 299 -21.50 -2.13 -9.59
CA ARG A 299 -20.38 -2.85 -10.25
C ARG A 299 -20.33 -2.42 -11.71
N ALA A 300 -21.44 -2.63 -12.41
CA ALA A 300 -21.63 -2.16 -13.78
C ALA A 300 -21.02 -0.79 -14.04
N ARG A 301 -21.49 0.26 -13.36
CA ARG A 301 -20.94 1.59 -13.66
C ARG A 301 -19.45 1.61 -13.40
N PHE A 302 -18.97 0.83 -12.44
CA PHE A 302 -17.56 0.82 -12.05
C PHE A 302 -16.66 0.29 -13.18
N GLU A 303 -17.08 -0.85 -13.72
CA GLU A 303 -16.44 -1.55 -14.81
C GLU A 303 -16.43 -0.70 -16.07
N GLU A 304 -17.57 -0.08 -16.33
CA GLU A 304 -17.75 0.85 -17.43
C GLU A 304 -16.86 2.09 -17.30
N LEU A 305 -16.74 2.66 -16.12
CA LEU A 305 -15.78 3.76 -15.95
C LEU A 305 -14.33 3.35 -16.33
N ASN A 306 -14.07 2.03 -16.31
CA ASN A 306 -12.74 1.49 -16.37
C ASN A 306 -12.52 0.49 -17.53
N ALA A 307 -13.53 0.37 -18.41
CA ALA A 307 -13.56 -0.70 -19.43
C ALA A 307 -12.34 -0.71 -20.35
N ASP A 308 -11.85 0.48 -20.72
CA ASP A 308 -10.66 0.57 -21.55
C ASP A 308 -9.40 0.18 -20.82
N LEU A 309 -9.34 0.48 -19.52
CA LEU A 309 -8.16 0.11 -18.71
C LEU A 309 -8.17 -1.40 -18.40
N PHE A 310 -9.36 -1.98 -18.16
CA PHE A 310 -9.43 -3.40 -17.94
C PHE A 310 -8.91 -4.13 -19.17
N ARG A 311 -9.52 -3.85 -20.32
CA ARG A 311 -9.11 -4.42 -21.61
C ARG A 311 -7.63 -4.22 -21.83
N GLY A 312 -7.14 -3.03 -21.47
CA GLY A 312 -5.76 -2.65 -21.68
C GLY A 312 -4.78 -3.55 -20.96
N THR A 313 -5.23 -4.30 -19.94
CA THR A 313 -4.36 -5.25 -19.22
C THR A 313 -3.99 -6.45 -20.07
N LEU A 314 -4.61 -6.56 -21.26
CA LEU A 314 -4.33 -7.69 -22.18
C LEU A 314 -3.14 -7.45 -23.09
N ASP A 315 -2.57 -6.24 -23.05
CA ASP A 315 -1.47 -5.89 -23.95
C ASP A 315 -0.10 -6.38 -23.50
N PRO A 316 0.30 -6.16 -22.23
CA PRO A 316 1.44 -6.89 -21.72
C PRO A 316 1.30 -8.41 -21.80
N VAL A 317 0.07 -8.92 -21.76
CA VAL A 317 -0.17 -10.34 -22.02
C VAL A 317 0.28 -10.72 -23.42
N GLU A 318 -0.12 -9.94 -24.43
CA GLU A 318 0.25 -10.25 -25.82
C GLU A 318 1.73 -10.05 -26.13
N LYS A 319 2.36 -8.98 -25.60
CA LYS A 319 3.84 -8.81 -25.65
C LYS A 319 4.59 -10.03 -25.08
N ALA A 320 4.25 -10.39 -23.84
CA ALA A 320 4.75 -11.55 -23.14
C ALA A 320 4.62 -12.81 -23.95
N LEU A 321 3.46 -13.03 -24.56
CA LEU A 321 3.23 -14.24 -25.38
C LEU A 321 3.99 -14.21 -26.68
N ARG A 322 4.22 -13.02 -27.23
CA ARG A 322 4.92 -12.97 -28.49
C ARG A 322 6.45 -13.06 -28.28
N ASP A 323 6.97 -12.51 -27.20
CA ASP A 323 8.37 -12.72 -26.85
C ASP A 323 8.65 -14.18 -26.51
N ALA A 324 7.66 -14.87 -25.97
CA ALA A 324 7.82 -16.25 -25.55
C ALA A 324 7.55 -17.19 -26.72
N LYS A 325 7.28 -16.62 -27.89
CA LYS A 325 6.85 -17.30 -29.13
C LYS A 325 5.74 -18.33 -28.94
N LEU A 326 4.65 -17.96 -28.27
CA LEU A 326 3.54 -18.89 -27.99
C LEU A 326 2.20 -18.26 -28.35
N ASP A 327 1.32 -19.05 -28.98
CA ASP A 327 -0.04 -18.62 -29.29
C ASP A 327 -0.62 -18.65 -27.92
N LYS A 328 -1.73 -17.95 -27.70
CA LYS A 328 -2.35 -18.00 -26.37
C LYS A 328 -3.08 -19.32 -26.15
N SER A 329 -3.10 -20.16 -27.20
CA SER A 329 -3.63 -21.54 -27.18
C SER A 329 -2.77 -22.45 -26.30
N GLN A 330 -1.46 -22.18 -26.28
CA GLN A 330 -0.50 -23.07 -25.64
C GLN A 330 -0.21 -22.73 -24.17
N ILE A 331 -0.93 -21.76 -23.61
CA ILE A 331 -0.97 -21.54 -22.16
C ILE A 331 -1.92 -22.48 -21.45
N HIS A 332 -1.35 -23.20 -20.50
CA HIS A 332 -2.02 -24.21 -19.71
C HIS A 332 -2.65 -23.67 -18.42
N ASP A 333 -2.00 -22.68 -17.79
CA ASP A 333 -2.36 -22.16 -16.46
C ASP A 333 -2.12 -20.69 -16.35
N ILE A 334 -3.08 -20.02 -15.72
CA ILE A 334 -2.98 -18.61 -15.44
C ILE A 334 -3.06 -18.49 -13.93
N VAL A 335 -2.12 -17.76 -13.34
CA VAL A 335 -2.12 -17.54 -11.93
C VAL A 335 -2.31 -16.05 -11.67
N LEU A 336 -3.19 -15.72 -10.71
CA LEU A 336 -3.50 -14.33 -10.40
C LEU A 336 -2.85 -13.93 -9.10
N VAL A 337 -2.06 -12.86 -9.10
CA VAL A 337 -1.51 -12.34 -7.87
C VAL A 337 -1.55 -10.81 -7.95
N GLY A 338 -1.45 -10.15 -6.79
CA GLY A 338 -1.53 -8.69 -6.69
C GLY A 338 -3.00 -8.42 -6.37
N GLY A 339 -3.23 -7.43 -5.53
CA GLY A 339 -4.58 -7.09 -5.06
C GLY A 339 -5.61 -6.70 -6.09
N SER A 340 -5.20 -6.14 -7.23
CA SER A 340 -6.22 -5.71 -8.21
C SER A 340 -6.86 -6.89 -8.94
N THR A 341 -6.23 -8.07 -8.89
CA THR A 341 -6.79 -9.30 -9.52
C THR A 341 -8.09 -9.80 -8.86
N ARG A 342 -8.48 -9.12 -7.79
CA ARG A 342 -9.69 -9.43 -7.04
C ARG A 342 -10.91 -8.91 -7.77
N ILE A 343 -10.71 -8.02 -8.75
CA ILE A 343 -11.82 -7.35 -9.48
C ILE A 343 -12.50 -8.36 -10.42
N PRO A 344 -13.79 -8.69 -10.18
CA PRO A 344 -14.40 -9.81 -10.93
C PRO A 344 -14.25 -9.65 -12.43
N LYS A 345 -14.49 -8.43 -12.94
CA LYS A 345 -14.38 -8.12 -14.37
C LYS A 345 -13.05 -8.49 -15.00
N ILE A 346 -11.97 -8.26 -14.26
CA ILE A 346 -10.66 -8.61 -14.72
C ILE A 346 -10.51 -10.12 -14.78
N GLN A 347 -11.04 -10.82 -13.78
CA GLN A 347 -11.05 -12.28 -13.83
C GLN A 347 -11.79 -12.81 -15.04
N LYS A 348 -12.93 -12.20 -15.35
CA LYS A 348 -13.77 -12.57 -16.51
C LYS A 348 -13.11 -12.34 -17.87
N LEU A 349 -12.32 -11.28 -18.03
CA LEU A 349 -11.67 -11.05 -19.31
C LEU A 349 -10.60 -12.10 -19.53
N LEU A 350 -9.91 -12.43 -18.43
CA LEU A 350 -8.82 -13.38 -18.43
C LEU A 350 -9.37 -14.78 -18.69
N GLN A 351 -10.51 -15.13 -18.10
CA GLN A 351 -11.06 -16.46 -18.36
C GLN A 351 -11.46 -16.56 -19.82
N ASP A 352 -12.07 -15.51 -20.39
CA ASP A 352 -12.54 -15.57 -21.79
C ASP A 352 -11.41 -15.62 -22.79
N PHE A 353 -10.37 -14.80 -22.53
CA PHE A 353 -9.15 -14.71 -23.33
C PHE A 353 -8.43 -16.05 -23.38
N PHE A 354 -8.35 -16.70 -22.23
CA PHE A 354 -7.84 -18.05 -22.12
C PHE A 354 -9.02 -19.03 -21.99
N ASN A 355 -9.95 -18.90 -22.91
CA ASN A 355 -11.09 -19.79 -23.00
C ASN A 355 -10.67 -21.25 -22.68
N GLY A 356 -11.22 -21.81 -21.60
CA GLY A 356 -11.06 -23.25 -21.28
C GLY A 356 -9.79 -23.64 -20.55
N LYS A 357 -8.98 -22.65 -20.16
CA LYS A 357 -7.75 -22.86 -19.39
C LYS A 357 -8.04 -22.59 -17.89
N GLU A 358 -7.23 -23.13 -16.98
CA GLU A 358 -7.48 -22.99 -15.53
C GLU A 358 -6.88 -21.71 -14.94
N LEU A 359 -7.71 -20.94 -14.23
CA LEU A 359 -7.28 -19.72 -13.51
C LEU A 359 -7.08 -20.10 -12.07
N ASN A 360 -5.82 -19.97 -11.62
CA ASN A 360 -5.47 -20.15 -10.23
C ASN A 360 -5.51 -18.80 -9.57
N LYS A 361 -6.42 -18.64 -8.61
CA LYS A 361 -6.70 -17.37 -8.00
C LYS A 361 -7.21 -17.53 -6.58
N SER A 362 -7.29 -18.78 -6.10
CA SER A 362 -7.95 -18.98 -4.80
C SER A 362 -7.09 -18.75 -3.52
N ILE A 363 -5.80 -18.52 -3.65
CA ILE A 363 -4.91 -18.17 -2.54
C ILE A 363 -4.96 -16.64 -2.51
N ASN A 364 -4.94 -16.04 -1.32
CA ASN A 364 -4.96 -14.56 -1.23
C ASN A 364 -3.91 -13.97 -2.15
N PRO A 365 -4.32 -13.20 -3.17
CA PRO A 365 -3.44 -12.61 -4.15
C PRO A 365 -2.30 -11.77 -3.59
N ASP A 366 -2.44 -11.22 -2.39
CA ASP A 366 -1.34 -10.41 -1.77
C ASP A 366 -0.39 -11.32 -1.01
N GLU A 367 -0.76 -12.59 -0.90
CA GLU A 367 -0.02 -13.55 -0.05
C GLU A 367 0.64 -14.71 -0.79
N ALA A 368 0.18 -15.02 -2.00
CA ALA A 368 0.71 -16.10 -2.84
C ALA A 368 2.23 -16.09 -3.04
N VAL A 369 2.84 -14.92 -3.24
CA VAL A 369 4.31 -14.90 -3.42
C VAL A 369 4.98 -15.39 -2.15
N ALA A 370 4.49 -14.93 -1.00
CA ALA A 370 5.12 -15.28 0.27
C ALA A 370 4.75 -16.69 0.67
N TYR A 371 3.52 -17.10 0.34
CA TYR A 371 3.06 -18.47 0.50
C TYR A 371 4.02 -19.48 -0.15
N GLY A 372 4.24 -19.39 -1.46
CA GLY A 372 5.09 -20.37 -2.15
C GLY A 372 6.55 -20.33 -1.72
N ALA A 373 7.06 -19.13 -1.46
CA ALA A 373 8.37 -18.90 -0.86
C ALA A 373 8.57 -19.60 0.46
N ALA A 374 7.60 -19.49 1.36
CA ALA A 374 7.55 -20.21 2.62
C ALA A 374 7.56 -21.70 2.38
N VAL A 375 6.76 -22.18 1.43
CA VAL A 375 6.75 -23.59 1.06
C VAL A 375 8.16 -24.06 0.66
N GLN A 376 8.83 -23.29 -0.18
CA GLN A 376 10.15 -23.69 -0.65
C GLN A 376 11.22 -23.54 0.41
N ALA A 377 11.08 -22.57 1.31
CA ALA A 377 12.06 -22.37 2.41
C ALA A 377 12.12 -23.60 3.35
N ALA A 378 10.95 -24.17 3.65
CA ALA A 378 10.86 -25.36 4.52
C ALA A 378 11.54 -26.57 3.88
N ILE A 379 11.44 -26.65 2.57
CA ILE A 379 12.14 -27.68 1.79
C ILE A 379 13.69 -27.53 1.76
N LEU A 380 14.19 -26.35 1.42
CA LEU A 380 15.65 -26.06 1.45
C LEU A 380 16.37 -26.15 2.83
N SER A 381 15.63 -25.97 3.92
CA SER A 381 16.21 -25.82 5.29
C SER A 381 16.88 -27.09 5.82
N GLY B 1 -38.95 6.12 16.18
CA GLY B 1 -39.25 4.64 16.13
C GLY B 1 -38.03 3.78 16.40
N ASN B 2 -37.28 4.15 17.45
CA ASN B 2 -35.95 3.60 17.83
C ASN B 2 -35.74 2.10 17.69
N SER B 3 -34.66 1.73 17.02
CA SER B 3 -34.30 0.33 16.77
C SER B 3 -32.94 -0.03 17.39
N PRO B 4 -32.75 -1.32 17.74
CA PRO B 4 -31.47 -1.84 18.26
C PRO B 4 -30.28 -1.51 17.36
N GLN B 5 -30.46 -1.71 16.06
CA GLN B 5 -29.45 -1.41 15.06
C GLN B 5 -28.86 0.00 15.11
N GLU B 6 -29.69 1.00 15.34
CA GLU B 6 -29.16 2.36 15.43
C GLU B 6 -28.27 2.56 16.65
N GLU B 7 -28.41 1.64 17.64
CA GLU B 7 -27.60 1.61 18.88
C GLU B 7 -26.15 1.20 18.62
N VAL B 8 -26.01 0.18 17.78
CA VAL B 8 -24.72 -0.20 17.15
C VAL B 8 -24.03 1.07 16.60
N GLU B 9 -24.76 1.85 15.80
CA GLU B 9 -24.21 3.02 15.11
C GLU B 9 -23.86 4.11 16.09
N LEU B 10 -24.76 4.35 17.04
CA LEU B 10 -24.60 5.38 18.06
C LEU B 10 -23.41 5.07 18.98
N LYS B 11 -23.13 3.77 19.19
CA LYS B 11 -21.94 3.39 19.95
C LYS B 11 -20.61 3.66 19.20
N LYS B 12 -20.56 3.29 17.91
CA LYS B 12 -19.45 3.65 17.00
C LYS B 12 -19.11 5.12 17.10
N LEU B 13 -20.14 5.95 16.90
CA LEU B 13 -20.04 7.40 16.94
C LEU B 13 -19.56 7.98 18.26
N LYS B 14 -20.00 7.38 19.38
CA LYS B 14 -19.55 7.85 20.68
C LYS B 14 -18.07 7.59 20.85
N HIS B 15 -17.66 6.39 20.45
CA HIS B 15 -16.25 6.04 20.46
C HIS B 15 -15.42 7.02 19.63
N LEU B 16 -15.88 7.33 18.39
CA LEU B 16 -15.19 8.28 17.52
C LEU B 16 -15.06 9.65 18.18
N GLU B 17 -16.11 10.01 18.92
CA GLU B 17 -16.24 11.28 19.67
C GLU B 17 -15.18 11.40 20.76
N LYS B 18 -14.99 10.31 21.52
CA LYS B 18 -13.88 10.14 22.46
C LYS B 18 -12.52 10.39 21.80
N SER B 19 -12.31 9.77 20.64
CA SER B 19 -11.06 9.90 19.89
C SER B 19 -10.76 11.37 19.49
N VAL B 20 -11.81 12.07 19.06
CA VAL B 20 -11.74 13.47 18.69
C VAL B 20 -11.38 14.33 19.91
N GLU B 21 -12.02 14.05 21.04
CA GLU B 21 -11.73 14.67 22.31
C GLU B 21 -10.24 14.54 22.63
N LYS B 22 -9.73 13.31 22.48
CA LYS B 22 -8.31 12.96 22.63
C LYS B 22 -7.40 13.89 21.79
N ILE B 23 -7.65 13.94 20.47
CA ILE B 23 -6.81 14.74 19.55
C ILE B 23 -7.02 16.23 19.80
N ALA B 24 -8.25 16.62 20.14
CA ALA B 24 -8.57 18.01 20.43
C ALA B 24 -7.81 18.51 21.67
N ASP B 25 -7.69 17.63 22.67
CA ASP B 25 -6.79 17.80 23.82
C ASP B 25 -5.33 18.06 23.45
N GLN B 26 -4.78 17.21 22.56
CA GLN B 26 -3.44 17.41 21.94
C GLN B 26 -3.31 18.79 21.29
N LEU B 27 -4.32 19.13 20.48
CA LEU B 27 -4.38 20.43 19.83
C LEU B 27 -4.24 21.53 20.87
N GLU B 28 -5.02 21.48 21.95
CA GLU B 28 -4.92 22.53 22.96
C GLU B 28 -3.57 22.60 23.64
N GLU B 29 -2.97 21.43 23.90
CA GLU B 29 -1.59 21.36 24.41
C GLU B 29 -0.59 22.06 23.50
N LEU B 30 -0.65 21.81 22.18
CA LEU B 30 0.16 22.55 21.22
C LEU B 30 -0.06 24.06 21.33
N ASN B 31 -1.31 24.47 21.57
CA ASN B 31 -1.59 25.92 21.69
C ASN B 31 -0.94 26.53 22.92
N LYS B 32 -1.04 25.81 24.04
CA LYS B 32 -0.44 26.20 25.30
C LYS B 32 1.09 26.32 25.16
N GLU B 33 1.71 25.40 24.44
CA GLU B 33 3.17 25.42 24.24
C GLU B 33 3.61 26.53 23.34
N LEU B 34 2.85 26.69 22.26
CA LEU B 34 3.04 27.75 21.31
C LEU B 34 3.14 29.09 22.02
N THR B 35 2.11 29.38 22.84
CA THR B 35 2.04 30.60 23.66
C THR B 35 3.33 30.84 24.44
N GLY B 36 3.78 29.82 25.17
CA GLY B 36 5.01 29.89 25.96
C GLY B 36 6.28 30.05 25.15
N ILE B 37 6.35 29.39 23.99
CA ILE B 37 7.49 29.51 23.09
C ILE B 37 7.56 30.89 22.43
N GLN B 38 6.47 31.29 21.77
CA GLN B 38 6.40 32.62 21.15
C GLN B 38 6.56 33.74 22.18
N GLN B 39 6.38 33.36 23.45
CA GLN B 39 6.58 34.23 24.63
C GLN B 39 8.02 34.76 24.74
N GLY B 40 8.85 34.37 23.79
CA GLY B 40 10.15 34.98 23.56
C GLY B 40 11.07 34.82 24.75
N PHE B 41 11.70 33.65 24.83
CA PHE B 41 12.77 33.42 25.81
C PHE B 41 14.07 33.08 25.06
N LEU B 42 14.09 31.86 24.52
CA LEU B 42 15.19 31.31 23.74
C LEU B 42 15.70 32.26 22.64
N PRO B 43 17.00 32.18 22.30
CA PRO B 43 17.46 32.74 21.03
C PRO B 43 16.61 32.27 19.84
N LYS B 44 16.57 33.05 18.78
CA LYS B 44 15.66 32.80 17.65
C LYS B 44 15.79 31.46 16.89
N ASP B 45 17.01 30.92 16.83
CA ASP B 45 17.27 29.65 16.16
C ASP B 45 16.70 28.47 16.97
N LEU B 46 16.91 28.51 18.28
CA LEU B 46 16.37 27.53 19.22
C LEU B 46 14.84 27.65 19.37
N GLN B 47 14.36 28.88 19.32
CA GLN B 47 12.94 29.13 19.22
C GLN B 47 12.37 28.53 17.92
N ALA B 48 12.97 28.85 16.78
CA ALA B 48 12.48 28.27 15.51
C ALA B 48 12.50 26.74 15.50
N GLU B 49 13.52 26.18 16.13
CA GLU B 49 13.65 24.75 16.31
C GLU B 49 12.50 24.17 17.13
N ALA B 50 12.17 24.82 18.26
CA ALA B 50 11.02 24.45 19.11
C ALA B 50 9.72 24.53 18.32
N LEU B 51 9.57 25.65 17.62
CA LEU B 51 8.45 25.85 16.70
C LEU B 51 8.37 24.77 15.62
N CYS B 52 9.48 24.44 14.98
CA CYS B 52 9.44 23.39 13.95
C CYS B 52 9.06 22.00 14.48
N LYS B 53 9.51 21.70 15.70
CA LYS B 53 9.19 20.46 16.39
C LYS B 53 7.70 20.41 16.72
N LEU B 54 7.16 21.57 17.07
CA LEU B 54 5.74 21.74 17.34
C LEU B 54 4.92 21.56 16.08
N ASP B 55 5.36 22.20 14.99
CA ASP B 55 4.74 22.03 13.66
C ASP B 55 4.49 20.57 13.22
N ARG B 56 5.49 19.70 13.43
CA ARG B 56 5.34 18.27 13.13
C ARG B 56 4.18 17.63 13.92
N ARG B 57 4.04 18.04 15.18
CA ARG B 57 2.97 17.60 16.08
C ARG B 57 1.61 18.16 15.70
N VAL B 58 1.52 19.42 15.29
CA VAL B 58 0.25 19.88 14.68
C VAL B 58 -0.11 19.08 13.40
N LYS B 59 0.88 18.75 12.58
CA LYS B 59 0.71 17.95 11.37
C LYS B 59 0.16 16.54 11.66
N ALA B 60 0.62 15.97 12.76
CA ALA B 60 0.12 14.69 13.26
C ALA B 60 -1.31 14.83 13.69
N THR B 61 -1.55 15.92 14.42
CA THR B 61 -2.85 16.31 14.91
C THR B 61 -3.80 16.44 13.72
N ILE B 62 -3.42 17.25 12.73
CA ILE B 62 -4.19 17.35 11.46
C ILE B 62 -4.52 15.95 10.88
N GLU B 63 -3.50 15.10 10.77
CA GLU B 63 -3.58 13.77 10.13
C GLU B 63 -4.46 12.78 10.89
N GLN B 64 -4.37 12.82 12.22
CA GLN B 64 -5.26 12.04 13.08
C GLN B 64 -6.71 12.50 12.94
N PHE B 65 -6.92 13.81 12.91
CA PHE B 65 -8.26 14.33 12.55
C PHE B 65 -8.78 13.80 11.23
N MET B 66 -7.94 13.82 10.19
CA MET B 66 -8.32 13.34 8.86
C MET B 66 -8.55 11.83 8.85
N LYS B 67 -7.80 11.10 9.67
CA LYS B 67 -8.03 9.68 9.81
C LYS B 67 -9.40 9.39 10.44
N ILE B 68 -9.81 10.26 11.38
CA ILE B 68 -11.18 10.17 11.97
C ILE B 68 -12.27 10.42 10.95
N LEU B 69 -12.18 11.53 10.23
CA LEU B 69 -13.09 11.80 9.08
C LEU B 69 -13.22 10.59 8.12
N GLU B 70 -12.09 10.01 7.71
CA GLU B 70 -12.12 8.83 6.85
C GLU B 70 -12.87 7.66 7.47
N GLU B 71 -12.75 7.46 8.79
CA GLU B 71 -13.52 6.42 9.51
C GLU B 71 -15.02 6.72 9.61
N ILE B 72 -15.38 7.98 9.87
CA ILE B 72 -16.77 8.43 9.83
C ILE B 72 -17.41 8.24 8.42
N ASP B 73 -16.59 8.42 7.38
CA ASP B 73 -16.99 8.23 5.97
C ASP B 73 -17.30 6.78 5.63
N THR B 74 -17.13 5.89 6.58
CA THR B 74 -17.44 4.48 6.28
C THR B 74 -18.90 4.17 6.65
N LEU B 75 -19.51 5.09 7.39
CA LEU B 75 -20.82 4.91 7.95
C LEU B 75 -21.93 5.22 6.96
N ILE B 76 -22.85 4.25 6.86
CA ILE B 76 -24.10 4.37 6.15
C ILE B 76 -25.26 4.44 7.17
N LEU B 77 -26.03 5.53 7.15
CA LEU B 77 -27.07 5.76 8.16
C LEU B 77 -28.40 6.05 7.48
N PRO B 78 -29.39 5.12 7.59
CA PRO B 78 -30.72 5.35 6.99
C PRO B 78 -31.34 6.66 7.45
N GLU B 79 -32.15 7.28 6.61
CA GLU B 79 -32.64 8.61 6.92
C GLU B 79 -33.43 8.69 8.24
N ASN B 80 -34.06 7.59 8.63
CA ASN B 80 -34.80 7.57 9.88
C ASN B 80 -33.90 7.33 11.10
N PHE B 81 -32.60 7.12 10.87
CA PHE B 81 -31.60 7.11 11.93
C PHE B 81 -31.23 8.56 12.22
N LYS B 82 -32.25 9.32 12.62
CA LYS B 82 -32.14 10.76 12.91
C LYS B 82 -31.08 11.16 13.94
N ASP B 83 -31.02 10.40 15.03
CA ASP B 83 -30.05 10.65 16.10
C ASP B 83 -28.60 10.34 15.74
N SER B 84 -28.35 9.22 15.05
CA SER B 84 -26.99 8.95 14.54
C SER B 84 -26.57 9.99 13.50
N ARG B 85 -27.51 10.30 12.58
CA ARG B 85 -27.28 11.25 11.50
C ARG B 85 -26.91 12.63 12.03
N LEU B 86 -27.54 13.05 13.13
CA LEU B 86 -27.18 14.29 13.80
C LEU B 86 -25.82 14.24 14.49
N LYS B 87 -25.51 13.12 15.14
CA LYS B 87 -24.22 12.96 15.83
C LYS B 87 -23.01 12.82 14.86
N ARG B 88 -23.19 12.05 13.78
CA ARG B 88 -22.18 12.01 12.70
C ARG B 88 -21.85 13.46 12.26
N LYS B 89 -22.89 14.15 11.80
CA LYS B 89 -22.77 15.42 11.10
C LYS B 89 -22.31 16.54 12.03
N GLY B 90 -22.70 16.46 13.31
CA GLY B 90 -22.16 17.37 14.33
C GLY B 90 -20.68 17.10 14.59
N LEU B 91 -20.32 15.82 14.69
CA LEU B 91 -18.91 15.44 14.86
C LEU B 91 -18.04 15.91 13.70
N VAL B 92 -18.43 15.57 12.46
CA VAL B 92 -17.72 16.01 11.24
C VAL B 92 -17.45 17.52 11.27
N LYS B 93 -18.48 18.30 11.56
CA LYS B 93 -18.38 19.78 11.52
C LYS B 93 -17.45 20.31 12.62
N LYS B 94 -17.48 19.64 13.77
CA LYS B 94 -16.60 19.89 14.93
C LYS B 94 -15.12 19.66 14.60
N VAL B 95 -14.80 18.44 14.20
CA VAL B 95 -13.48 18.04 13.65
C VAL B 95 -13.01 19.07 12.65
N GLN B 96 -13.95 19.42 11.76
CA GLN B 96 -13.72 20.40 10.74
C GLN B 96 -13.34 21.80 11.27
N ALA B 97 -13.95 22.24 12.38
CA ALA B 97 -13.57 23.51 13.02
C ALA B 97 -12.18 23.43 13.70
N PHE B 98 -11.89 22.28 14.32
CA PHE B 98 -10.54 21.95 14.82
C PHE B 98 -9.49 21.97 13.73
N LEU B 99 -9.81 21.41 12.55
CA LEU B 99 -8.89 21.51 11.38
C LEU B 99 -8.50 22.97 10.97
N ALA B 100 -9.44 23.92 11.07
CA ALA B 100 -9.16 25.30 10.67
C ALA B 100 -8.34 26.07 11.70
N GLU B 101 -8.47 25.66 12.95
CA GLU B 101 -7.58 26.06 14.05
C GLU B 101 -6.14 25.55 13.83
N CYS B 102 -6.02 24.25 13.63
CA CYS B 102 -4.77 23.63 13.20
C CYS B 102 -4.14 24.43 12.06
N ASP B 103 -4.92 24.76 11.03
CA ASP B 103 -4.35 25.50 9.90
C ASP B 103 -3.89 26.91 10.32
N THR B 104 -4.63 27.53 11.22
CA THR B 104 -4.35 28.92 11.59
C THR B 104 -3.06 29.00 12.36
N VAL B 105 -2.88 28.06 13.29
CA VAL B 105 -1.67 27.92 14.13
C VAL B 105 -0.41 27.72 13.27
N GLU B 106 -0.49 26.69 12.42
CA GLU B 106 0.50 26.37 11.39
C GLU B 106 1.04 27.57 10.58
N GLN B 107 0.14 28.45 10.13
CA GLN B 107 0.54 29.64 9.37
C GLN B 107 1.37 30.58 10.21
N ASN B 108 2.68 30.41 10.16
CA ASN B 108 3.67 31.25 10.89
C ASN B 108 4.96 30.46 11.03
N ILE B 109 4.77 29.24 11.52
CA ILE B 109 5.81 28.42 12.09
C ILE B 109 6.36 27.48 11.04
N CYS B 110 7.68 27.40 10.96
CA CYS B 110 8.32 26.37 10.17
C CYS B 110 7.92 26.45 8.68
N GLN B 111 8.57 27.33 7.93
CA GLN B 111 8.27 27.46 6.49
C GLN B 111 9.53 27.75 5.68
#